data_9FXV
#
_entry.id   9FXV
#
_cell.length_a   37.857
_cell.length_b   119.561
_cell.length_c   123.281
_cell.angle_alpha   90.00
_cell.angle_beta   90.00
_cell.angle_gamma   90.00
#
_symmetry.space_group_name_H-M   'P 21 21 21'
#
loop_
_entity.id
_entity.type
_entity.pdbx_description
1 polymer 'Polymerase acidic protein'
2 polymer 'Peptide inhibitor'
3 non-polymer 1,2-ETHANEDIOL
4 non-polymer 'TETRAETHYLENE GLYCOL'
5 water water
#
loop_
_entity_poly.entity_id
_entity_poly.type
_entity_poly.pdbx_seq_one_letter_code
_entity_poly.pdbx_strand_id
1 'polypeptide(L)'
;SIEPFLRTTPRPLRLPDGPLCHQRSKFLLMDALKLSIEDPSHEGEGIPLYDAIKCMKTFFGWKEPNIVKPHEKGINPNYL
MAWKQVLAELQDIENEEKIPRTKNMKRTSQLKWALGENMAPEKVDFDDCKDVGDLKQYDSDEPEPRSLASWVQNEFNKAC
ELTDSSWIELDEIGEDVAPIEHIASMRRNYFTAEVSHCRATEYIMKGVYINTALLNASCAAMDDFQLIPMISKCRTKEGR
RKTNLYGFIIKGRSHLRNDTDVVNFVSMEFSLTDPRLEPHKWEKYCVLEIGDMLLRTAIGQVSRPMFLYVRTNGTSKIKM
KWGMEMRRCLLQSLQQIESMIEAESSVKEKDMTKEFFENKSETWPIGESPRGVEEGSIGKVCRTLLAKSVFNSLYASPQL
EGFSAESRKLLLIVQALRDNLEPGTFDLGGLYEAIEECLINDPWVLLNASWFNSFLTHALK
;
A
2 'polypeptide(L)' DYNPY(NLE)LY(NLE)K B
#
loop_
_chem_comp.id
_chem_comp.type
_chem_comp.name
_chem_comp.formula
EDO non-polymer 1,2-ETHANEDIOL 'C2 H6 O2'
PG4 non-polymer 'TETRAETHYLENE GLYCOL' 'C8 H18 O5'
#
# COMPACT_ATOMS: atom_id res chain seq x y z
N SER A 1 45.78 5.30 -11.66
CA SER A 1 45.15 4.10 -11.03
C SER A 1 45.75 3.89 -9.65
N ILE A 2 45.00 3.19 -8.80
CA ILE A 2 45.40 2.96 -7.43
C ILE A 2 45.51 1.45 -7.23
N GLU A 3 46.35 1.05 -6.27
CA GLU A 3 46.53 -0.36 -5.93
C GLU A 3 45.19 -0.93 -5.43
N PRO A 4 44.80 -2.13 -5.87
CA PRO A 4 43.48 -2.68 -5.49
C PRO A 4 43.16 -2.66 -3.99
N PHE A 5 44.18 -2.78 -3.13
CA PHE A 5 43.96 -2.96 -1.70
C PHE A 5 43.47 -1.64 -1.10
N LEU A 6 43.67 -0.53 -1.82
CA LEU A 6 43.26 0.82 -1.41
C LEU A 6 41.86 1.17 -1.95
N ARG A 7 41.48 0.51 -3.04
CA ARG A 7 40.17 0.68 -3.64
C ARG A 7 39.12 0.32 -2.59
N THR A 8 38.07 1.14 -2.48
CA THR A 8 37.08 0.94 -1.43
C THR A 8 35.86 0.30 -2.08
N THR A 9 35.49 -0.86 -1.55
CA THR A 9 34.31 -1.58 -2.01
C THR A 9 33.12 -1.35 -1.06
N PRO A 10 32.03 -0.71 -1.54
CA PRO A 10 30.85 -0.44 -0.70
C PRO A 10 30.43 -1.68 0.09
N ARG A 11 30.36 -1.52 1.41
CA ARG A 11 29.77 -2.49 2.33
C ARG A 11 28.23 -2.39 2.30
N PRO A 12 27.55 -3.44 2.82
CA PRO A 12 26.10 -3.41 3.00
C PRO A 12 25.69 -2.34 4.00
N LEU A 13 24.47 -1.79 3.81
CA LEU A 13 23.84 -0.93 4.82
C LEU A 13 23.58 -1.79 6.03
N ARG A 14 23.84 -1.24 7.22
CA ARG A 14 23.45 -1.82 8.50
C ARG A 14 21.99 -1.47 8.82
N LEU A 15 21.18 -2.51 9.02
CA LEU A 15 19.80 -2.34 9.48
C LEU A 15 19.77 -2.50 10.99
N PRO A 16 19.08 -1.62 11.73
CA PRO A 16 19.04 -1.73 13.19
C PRO A 16 18.41 -3.02 13.70
N ASP A 17 18.82 -3.40 14.91
CA ASP A 17 18.19 -4.45 15.68
C ASP A 17 17.00 -3.86 16.42
N GLY A 18 16.07 -4.72 16.82
CA GLY A 18 14.86 -4.27 17.47
C GLY A 18 13.72 -5.25 17.30
N PRO A 19 12.56 -5.00 17.93
CA PRO A 19 11.32 -5.69 17.57
C PRO A 19 10.94 -5.50 16.10
N LEU A 20 10.37 -6.54 15.51
CA LEU A 20 9.82 -6.49 14.17
C LEU A 20 8.94 -5.26 13.99
N CYS A 21 9.05 -4.61 12.81
CA CYS A 21 8.27 -3.43 12.47
C CYS A 21 6.78 -3.77 12.30
N HIS A 22 5.91 -2.75 12.38
CA HIS A 22 4.45 -2.95 12.39
C HIS A 22 3.77 -2.20 11.24
N GLN A 23 2.53 -2.57 10.89
CA GLN A 23 1.83 -1.93 9.80
C GLN A 23 1.56 -0.47 10.16
N ARG A 24 1.75 0.43 9.20
CA ARG A 24 1.54 1.85 9.43
C ARG A 24 0.95 2.52 8.18
N SER A 25 0.44 1.71 7.25
CA SER A 25 -0.36 2.23 6.15
C SER A 25 -1.65 2.88 6.70
N LYS A 26 -2.30 3.68 5.84
CA LYS A 26 -3.54 4.35 6.16
C LYS A 26 -4.74 3.41 6.07
N PHE A 27 -4.60 2.30 5.35
CA PHE A 27 -5.64 1.29 5.19
C PHE A 27 -5.02 -0.08 4.97
N LEU A 28 -5.74 -1.17 5.28
CA LEU A 28 -5.25 -2.51 5.01
C LEU A 28 -4.87 -2.66 3.52
N LEU A 29 -3.77 -3.37 3.27
CA LEU A 29 -3.31 -3.69 1.93
C LEU A 29 -3.66 -5.14 1.62
N MET A 30 -2.72 -6.09 1.80
CA MET A 30 -2.95 -7.48 1.38
C MET A 30 -3.98 -8.15 2.27
N ASP A 31 -4.20 -7.59 3.47
CA ASP A 31 -5.13 -8.21 4.41
C ASP A 31 -6.56 -7.69 4.16
N ALA A 32 -6.72 -6.70 3.28
CA ALA A 32 -8.02 -6.11 3.03
C ALA A 32 -8.99 -7.19 2.59
N LEU A 33 -10.28 -6.96 2.87
CA LEU A 33 -11.30 -7.89 2.45
C LEU A 33 -12.49 -7.09 1.94
N LYS A 34 -12.93 -7.44 0.73
CA LYS A 34 -14.01 -6.73 0.07
C LYS A 34 -15.33 -7.46 0.29
N LEU A 35 -16.40 -6.67 0.56
CA LEU A 35 -17.77 -7.14 0.41
C LEU A 35 -18.34 -6.36 -0.76
N SER A 36 -18.94 -7.10 -1.70
CA SER A 36 -19.10 -6.57 -3.05
C SER A 36 -20.48 -6.95 -3.55
N ILE A 37 -21.01 -6.04 -4.41
CA ILE A 37 -22.27 -6.21 -5.13
C ILE A 37 -22.05 -5.84 -6.59
N GLU A 38 -22.79 -6.50 -7.49
CA GLU A 38 -22.77 -6.18 -8.92
C GLU A 38 -23.73 -5.02 -9.17
N ASP A 39 -23.26 -3.96 -9.81
CA ASP A 39 -24.02 -2.73 -9.96
C ASP A 39 -25.21 -2.96 -10.89
N PRO A 40 -26.29 -2.17 -10.76
CA PRO A 40 -27.43 -2.24 -11.70
C PRO A 40 -27.11 -2.00 -13.18
N GLU A 45 -24.99 6.68 -10.22
CA GLU A 45 -24.39 5.69 -9.27
C GLU A 45 -25.06 5.83 -7.89
N GLY A 46 -24.76 4.86 -6.99
CA GLY A 46 -25.30 4.84 -5.64
C GLY A 46 -24.59 5.81 -4.71
N ILE A 47 -25.29 6.23 -3.64
CA ILE A 47 -24.68 6.95 -2.53
C ILE A 47 -24.00 5.92 -1.62
N PRO A 48 -22.81 6.26 -1.09
CA PRO A 48 -21.98 5.30 -0.35
C PRO A 48 -22.67 4.51 0.76
N LEU A 49 -23.47 5.20 1.58
CA LEU A 49 -24.09 4.54 2.72
C LEU A 49 -25.10 3.48 2.26
N TYR A 50 -25.81 3.76 1.17
CA TYR A 50 -26.69 2.76 0.57
C TYR A 50 -25.87 1.61 0.00
N ASP A 51 -24.75 1.90 -0.70
CA ASP A 51 -23.94 0.81 -1.29
C ASP A 51 -23.33 -0.02 -0.17
N ALA A 52 -22.97 0.65 0.91
CA ALA A 52 -22.31 0.02 2.04
C ALA A 52 -23.23 -1.01 2.65
N ILE A 53 -24.47 -0.58 2.93
CA ILE A 53 -25.45 -1.43 3.55
C ILE A 53 -25.72 -2.63 2.64
N LYS A 54 -25.98 -2.34 1.38
CA LYS A 54 -26.18 -3.39 0.37
C LYS A 54 -25.00 -4.34 0.38
N CYS A 55 -23.75 -3.82 0.36
CA CYS A 55 -22.60 -4.74 0.32
C CYS A 55 -22.57 -5.58 1.60
N MET A 56 -22.91 -5.01 2.76
CA MET A 56 -22.81 -5.78 4.00
C MET A 56 -23.87 -6.88 4.03
N LYS A 57 -24.98 -6.69 3.34
CA LYS A 57 -26.04 -7.70 3.28
C LYS A 57 -25.64 -8.95 2.48
N THR A 58 -24.56 -8.89 1.69
CA THR A 58 -24.15 -10.05 0.89
C THR A 58 -23.31 -10.96 1.76
N PHE A 59 -23.03 -10.52 3.00
CA PHE A 59 -22.43 -11.41 3.99
C PHE A 59 -23.52 -11.92 4.93
N PHE A 60 -23.45 -13.20 5.26
CA PHE A 60 -24.57 -13.86 5.91
C PHE A 60 -24.09 -14.47 7.23
N GLY A 61 -22.94 -14.03 7.74
CA GLY A 61 -22.36 -14.68 8.91
C GLY A 61 -22.06 -13.73 10.05
N TRP A 62 -22.50 -12.48 9.92
CA TRP A 62 -22.30 -11.54 11.02
C TRP A 62 -22.62 -12.19 12.36
N LYS A 63 -21.85 -11.85 13.39
CA LYS A 63 -22.24 -12.19 14.76
C LYS A 63 -21.76 -11.10 15.72
N GLU A 64 -22.11 -11.29 17.01
CA GLU A 64 -21.82 -10.35 18.07
C GLU A 64 -20.30 -10.21 18.15
N PRO A 65 -19.77 -8.98 18.02
CA PRO A 65 -18.31 -8.79 18.04
C PRO A 65 -17.64 -9.13 19.36
N ASN A 66 -16.34 -9.38 19.31
CA ASN A 66 -15.58 -9.60 20.53
C ASN A 66 -14.14 -9.28 20.15
N ILE A 67 -13.32 -8.94 21.13
CA ILE A 67 -11.96 -8.56 20.85
C ILE A 67 -11.16 -9.85 20.78
N VAL A 68 -10.31 -10.00 19.75
CA VAL A 68 -9.47 -11.18 19.70
C VAL A 68 -8.00 -10.79 19.83
N LYS A 69 -7.67 -9.52 19.58
CA LYS A 69 -6.34 -9.12 19.95
C LYS A 69 -6.35 -7.71 20.49
N PRO A 70 -6.09 -7.50 21.80
CA PRO A 70 -6.13 -6.17 22.35
C PRO A 70 -5.13 -5.25 21.65
N HIS A 71 -5.51 -3.99 21.47
CA HIS A 71 -4.52 -2.96 21.30
C HIS A 71 -3.76 -2.73 22.61
N GLU A 72 -2.41 -2.79 22.61
CA GLU A 72 -1.60 -2.67 23.82
C GLU A 72 -1.79 -1.32 24.51
N LYS A 73 -1.73 -0.22 23.73
CA LYS A 73 -1.76 1.13 24.27
C LYS A 73 -3.11 1.83 24.03
N GLY A 74 -4.22 1.09 24.14
CA GLY A 74 -5.55 1.68 23.97
C GLY A 74 -6.61 1.09 24.91
N ILE A 75 -7.75 1.76 24.99
CA ILE A 75 -8.90 1.32 25.78
C ILE A 75 -9.77 0.49 24.85
N ASN A 76 -9.69 -0.85 24.98
CA ASN A 76 -10.15 -1.72 23.92
C ASN A 76 -11.66 -1.83 23.90
N PRO A 77 -12.34 -1.76 25.07
CA PRO A 77 -13.80 -1.69 25.08
C PRO A 77 -14.34 -0.52 24.24
N ASN A 78 -13.65 0.65 24.23
CA ASN A 78 -14.06 1.78 23.40
C ASN A 78 -14.05 1.45 21.89
N TYR A 79 -13.16 0.52 21.45
CA TYR A 79 -13.07 0.16 20.03
C TYR A 79 -14.19 -0.80 19.64
N LEU A 80 -14.48 -1.75 20.50
CA LEU A 80 -15.65 -2.60 20.33
C LEU A 80 -16.92 -1.76 20.31
N MET A 81 -17.08 -0.84 21.26
CA MET A 81 -18.28 -0.01 21.33
C MET A 81 -18.38 0.92 20.10
N ALA A 82 -17.25 1.33 19.53
CA ALA A 82 -17.30 2.18 18.36
C ALA A 82 -17.89 1.39 17.20
N TRP A 83 -17.63 0.07 17.16
CA TRP A 83 -18.09 -0.75 16.06
C TRP A 83 -19.59 -0.94 16.22
N LYS A 84 -20.04 -1.32 17.41
CA LYS A 84 -21.46 -1.48 17.70
C LYS A 84 -22.19 -0.17 17.41
N GLN A 85 -21.55 0.95 17.71
CA GLN A 85 -22.11 2.25 17.40
C GLN A 85 -22.28 2.43 15.89
N VAL A 86 -21.27 2.06 15.09
CA VAL A 86 -21.36 2.16 13.62
C VAL A 86 -22.58 1.39 13.11
N LEU A 87 -22.71 0.16 13.58
CA LEU A 87 -23.80 -0.72 13.16
C LEU A 87 -25.17 -0.20 13.59
N ALA A 88 -25.21 0.45 14.77
CA ALA A 88 -26.44 1.00 15.34
C ALA A 88 -26.87 2.20 14.50
N GLU A 89 -25.90 2.96 13.98
CA GLU A 89 -26.18 4.15 13.18
C GLU A 89 -26.53 3.76 11.74
N LEU A 90 -25.95 2.66 11.25
CA LEU A 90 -26.40 2.10 9.98
C LEU A 90 -27.84 1.60 10.09
N GLN A 91 -28.22 1.04 11.23
CA GLN A 91 -29.59 0.58 11.41
C GLN A 91 -30.56 1.75 11.34
N ASP A 92 -30.17 2.87 11.97
CA ASP A 92 -30.97 4.09 11.99
C ASP A 92 -31.16 4.64 10.58
N ILE A 93 -30.10 4.60 9.77
CA ILE A 93 -30.12 5.05 8.39
C ILE A 93 -31.17 4.22 7.64
N GLU A 94 -31.18 2.92 7.91
CA GLU A 94 -32.11 2.00 7.26
C GLU A 94 -33.54 2.45 7.57
N ASN A 95 -33.85 2.53 8.87
CA ASN A 95 -35.17 2.82 9.41
C ASN A 95 -35.73 4.10 8.79
N GLU A 96 -34.82 5.04 8.48
CA GLU A 96 -35.13 6.21 7.66
C GLU A 96 -35.46 5.76 6.22
N GLU A 97 -36.65 6.12 5.74
CA GLU A 97 -37.04 5.75 4.39
C GLU A 97 -36.11 6.40 3.36
N LYS A 98 -35.51 7.54 3.69
CA LYS A 98 -34.57 8.20 2.79
C LYS A 98 -33.14 7.92 3.25
N ILE A 99 -32.27 7.49 2.34
CA ILE A 99 -30.87 7.29 2.70
C ILE A 99 -30.15 8.61 2.49
N PRO A 100 -29.38 9.10 3.49
CA PRO A 100 -28.73 10.39 3.39
C PRO A 100 -27.39 10.24 2.68
N ARG A 101 -26.96 11.33 2.06
CA ARG A 101 -25.69 11.41 1.36
C ARG A 101 -24.55 11.26 2.38
N THR A 102 -24.66 11.94 3.53
CA THR A 102 -23.72 11.82 4.64
C THR A 102 -24.44 11.42 5.94
N LYS A 103 -23.63 11.00 6.91
CA LYS A 103 -24.09 10.62 8.23
C LYS A 103 -23.08 11.12 9.28
N ASN A 104 -23.54 12.02 10.15
CA ASN A 104 -22.76 12.38 11.32
C ASN A 104 -23.15 11.46 12.48
N MET A 105 -22.15 11.06 13.25
CA MET A 105 -22.35 10.10 14.31
C MET A 105 -22.48 10.81 15.65
N LYS A 106 -23.08 10.13 16.63
CA LYS A 106 -23.12 10.65 17.98
C LYS A 106 -21.69 10.80 18.50
N ARG A 107 -21.42 11.90 19.22
CA ARG A 107 -20.08 12.14 19.73
C ARG A 107 -20.00 11.57 21.12
N THR A 108 -20.13 10.25 21.18
CA THR A 108 -20.08 9.44 22.39
C THR A 108 -18.68 9.51 22.98
N SER A 109 -18.51 8.93 24.17
CA SER A 109 -17.24 8.94 24.89
C SER A 109 -16.20 8.01 24.23
N GLN A 110 -16.64 6.83 23.80
CA GLN A 110 -15.80 5.95 23.00
C GLN A 110 -15.25 6.70 21.79
N LEU A 111 -16.09 7.48 21.10
CA LEU A 111 -15.63 8.16 19.89
C LEU A 111 -14.70 9.32 20.22
N LYS A 112 -15.04 10.18 21.18
CA LYS A 112 -14.10 11.21 21.62
C LYS A 112 -12.75 10.63 22.02
N TRP A 113 -12.74 9.55 22.80
CA TRP A 113 -11.45 8.99 23.16
C TRP A 113 -10.66 8.55 21.92
N ALA A 114 -11.29 7.70 21.09
CA ALA A 114 -10.64 7.08 19.94
C ALA A 114 -10.13 8.14 18.97
N LEU A 115 -10.89 9.24 18.82
CA LEU A 115 -10.50 10.34 17.94
C LEU A 115 -9.84 11.45 18.73
N GLY A 116 -9.36 11.05 19.92
CA GLY A 116 -8.58 11.91 20.79
C GLY A 116 -9.10 13.33 20.80
N GLU A 117 -10.44 13.47 20.84
CA GLU A 117 -11.11 14.76 20.89
C GLU A 117 -11.00 15.33 22.31
N GLU A 142 7.80 8.17 17.27
CA GLU A 142 8.31 6.89 17.84
C GLU A 142 9.67 6.57 17.22
N PRO A 143 10.80 6.83 17.95
CA PRO A 143 12.14 6.61 17.40
C PRO A 143 12.82 5.28 17.73
N GLU A 144 12.18 4.41 18.52
CA GLU A 144 12.76 3.11 18.83
C GLU A 144 13.02 2.33 17.54
N PRO A 145 14.22 1.73 17.38
CA PRO A 145 14.53 0.91 16.23
C PRO A 145 13.74 -0.39 16.13
N ARG A 146 13.39 -0.71 14.88
CA ARG A 146 12.72 -1.97 14.62
C ARG A 146 13.48 -2.67 13.51
N SER A 147 13.54 -4.00 13.59
CA SER A 147 14.08 -4.83 12.53
C SER A 147 13.00 -5.08 11.47
N LEU A 148 13.40 -5.64 10.34
CA LEU A 148 12.54 -5.80 9.18
C LEU A 148 11.82 -7.14 9.25
N ALA A 149 10.48 -7.09 9.33
CA ALA A 149 9.69 -8.31 9.30
C ALA A 149 9.44 -8.72 7.85
N SER A 150 9.04 -9.97 7.66
CA SER A 150 8.92 -10.49 6.32
C SER A 150 7.59 -10.10 5.68
N TRP A 151 6.64 -9.57 6.48
CA TRP A 151 5.30 -9.27 6.01
C TRP A 151 5.45 -8.20 4.94
N VAL A 152 6.50 -7.45 5.11
CA VAL A 152 6.67 -6.28 4.28
C VAL A 152 6.97 -6.63 2.81
N GLN A 153 7.78 -7.64 2.55
CA GLN A 153 8.13 -8.06 1.21
C GLN A 153 6.93 -8.81 0.63
N ASN A 154 6.26 -9.55 1.50
CA ASN A 154 5.02 -10.20 1.15
C ASN A 154 4.01 -9.17 0.64
N GLU A 155 3.88 -8.04 1.33
CA GLU A 155 3.03 -6.96 0.83
C GLU A 155 3.43 -6.59 -0.61
N PHE A 156 4.75 -6.38 -0.82
CA PHE A 156 5.24 -5.86 -2.07
C PHE A 156 4.91 -6.87 -3.15
N ASN A 157 5.07 -8.15 -2.84
CA ASN A 157 4.85 -9.22 -3.78
C ASN A 157 3.39 -9.20 -4.21
N LYS A 158 2.49 -8.93 -3.26
CA LYS A 158 1.07 -9.08 -3.52
C LYS A 158 0.61 -7.89 -4.34
N ALA A 159 1.20 -6.72 -4.09
CA ALA A 159 0.95 -5.55 -4.91
C ALA A 159 1.37 -5.75 -6.38
N CYS A 160 2.36 -6.61 -6.65
CA CYS A 160 2.88 -6.85 -7.99
C CYS A 160 1.98 -7.83 -8.75
N GLU A 161 1.21 -8.65 -8.02
CA GLU A 161 0.31 -9.63 -8.60
C GLU A 161 -0.85 -8.99 -9.38
N LEU A 162 -1.59 -9.85 -10.09
CA LEU A 162 -2.77 -9.52 -10.90
C LEU A 162 -4.02 -10.02 -10.20
N THR A 163 -5.07 -9.18 -10.15
CA THR A 163 -6.37 -9.58 -9.62
C THR A 163 -7.23 -10.05 -10.79
N ASP A 164 -8.37 -10.68 -10.46
CA ASP A 164 -9.28 -11.20 -11.45
C ASP A 164 -10.21 -10.08 -11.90
N SER A 165 -9.89 -8.85 -11.51
CA SER A 165 -10.71 -7.69 -11.80
C SER A 165 -9.82 -6.57 -12.30
N SER A 166 -10.41 -5.71 -13.13
CA SER A 166 -9.77 -4.53 -13.68
C SER A 166 -10.15 -3.27 -12.90
N TRP A 167 -9.19 -2.37 -12.67
CA TRP A 167 -9.38 -1.23 -11.79
C TRP A 167 -9.28 0.09 -12.55
N ILE A 168 -8.89 0.02 -13.82
CA ILE A 168 -8.94 1.18 -14.69
C ILE A 168 -9.72 0.78 -15.94
N GLU A 169 -10.49 1.75 -16.46
CA GLU A 169 -11.22 1.64 -17.71
C GLU A 169 -10.91 2.91 -18.49
N LEU A 170 -11.14 2.87 -19.81
CA LEU A 170 -10.92 4.02 -20.68
C LEU A 170 -12.27 4.65 -21.10
N ALA A 184 3.36 6.32 -28.31
CA ALA A 184 2.91 6.73 -26.97
C ALA A 184 1.55 6.10 -26.64
N SER A 185 0.55 6.36 -27.48
CA SER A 185 -0.81 5.88 -27.28
C SER A 185 -0.85 4.36 -27.45
N MET A 186 -0.04 3.83 -28.37
CA MET A 186 0.03 2.40 -28.60
C MET A 186 0.65 1.75 -27.37
N ARG A 187 1.65 2.43 -26.80
CA ARG A 187 2.41 1.92 -25.67
C ARG A 187 1.60 2.09 -24.38
N ARG A 188 0.89 3.23 -24.24
CA ARG A 188 -0.06 3.42 -23.16
C ARG A 188 -0.94 2.18 -23.03
N ASN A 189 -1.58 1.76 -24.13
CA ASN A 189 -2.61 0.73 -24.03
C ASN A 189 -2.00 -0.60 -23.62
N TYR A 190 -0.77 -0.85 -24.09
CA TYR A 190 -0.02 -2.06 -23.76
C TYR A 190 0.29 -2.05 -22.26
N PHE A 191 0.93 -0.96 -21.81
CA PHE A 191 1.18 -0.76 -20.39
C PHE A 191 -0.13 -0.92 -19.61
N THR A 192 -1.11 -0.08 -19.95
CA THR A 192 -2.42 -0.14 -19.35
C THR A 192 -2.91 -1.58 -19.34
N ALA A 193 -2.68 -2.33 -20.42
CA ALA A 193 -3.17 -3.70 -20.51
C ALA A 193 -2.45 -4.58 -19.48
N GLU A 194 -1.23 -4.20 -19.11
CA GLU A 194 -0.43 -4.99 -18.19
C GLU A 194 -0.85 -4.69 -16.74
N VAL A 195 -1.09 -3.42 -16.39
CA VAL A 195 -1.32 -3.05 -15.00
C VAL A 195 -2.81 -2.93 -14.63
N SER A 196 -3.73 -3.04 -15.59
CA SER A 196 -5.12 -2.68 -15.33
C SER A 196 -5.67 -3.48 -14.14
N HIS A 197 -5.33 -4.77 -14.13
CA HIS A 197 -5.76 -5.76 -13.15
C HIS A 197 -4.74 -5.98 -12.02
N CYS A 198 -3.71 -5.14 -11.94
CA CYS A 198 -2.65 -5.27 -10.94
C CYS A 198 -3.11 -4.76 -9.57
N ARG A 199 -2.85 -5.55 -8.53
CA ARG A 199 -3.23 -5.22 -7.16
C ARG A 199 -2.80 -3.83 -6.74
N ALA A 200 -1.66 -3.33 -7.22
CA ALA A 200 -1.23 -1.99 -6.84
C ALA A 200 -2.15 -0.88 -7.38
N THR A 201 -2.89 -1.20 -8.46
CA THR A 201 -3.78 -0.25 -9.12
C THR A 201 -5.11 -0.16 -8.38
N GLU A 202 -5.52 -1.26 -7.75
CA GLU A 202 -6.66 -1.26 -6.86
C GLU A 202 -6.32 -0.33 -5.70
N TYR A 203 -5.09 -0.42 -5.22
CA TYR A 203 -4.62 0.40 -4.13
C TYR A 203 -4.63 1.84 -4.56
N ILE A 204 -4.25 2.12 -5.80
CA ILE A 204 -4.34 3.51 -6.26
C ILE A 204 -5.79 3.97 -6.13
N MET A 205 -6.73 3.15 -6.61
CA MET A 205 -8.14 3.55 -6.69
C MET A 205 -8.79 3.66 -5.31
N LYS A 206 -8.61 2.63 -4.46
CA LYS A 206 -8.96 2.58 -3.04
C LYS A 206 -8.47 3.82 -2.33
N GLY A 207 -7.29 4.34 -2.69
CA GLY A 207 -6.67 5.48 -2.04
C GLY A 207 -7.12 6.81 -2.62
N VAL A 208 -7.48 6.86 -3.91
CA VAL A 208 -8.02 8.12 -4.40
C VAL A 208 -9.42 8.28 -3.82
N TYR A 209 -10.21 7.22 -3.81
CA TYR A 209 -11.56 7.34 -3.29
C TYR A 209 -11.54 7.76 -1.82
N ILE A 210 -10.81 7.03 -0.94
CA ILE A 210 -10.94 7.29 0.49
C ILE A 210 -10.41 8.70 0.83
N ASN A 211 -9.35 9.17 0.15
CA ASN A 211 -8.73 10.45 0.45
C ASN A 211 -9.63 11.59 -0.03
N THR A 212 -10.40 11.33 -1.08
CA THR A 212 -11.31 12.32 -1.61
C THR A 212 -12.56 12.38 -0.73
N ALA A 213 -13.11 11.23 -0.34
CA ALA A 213 -14.22 11.19 0.61
C ALA A 213 -13.86 11.94 1.90
N LEU A 214 -12.65 11.68 2.40
CA LEU A 214 -12.20 12.18 3.69
C LEU A 214 -11.93 13.68 3.58
N LEU A 215 -11.36 14.11 2.44
CA LEU A 215 -11.04 15.53 2.28
C LEU A 215 -12.33 16.29 2.08
N ASN A 216 -13.27 15.65 1.41
CA ASN A 216 -14.61 16.18 1.21
C ASN A 216 -15.37 16.38 2.53
N ALA A 217 -15.31 15.41 3.46
CA ALA A 217 -15.99 15.49 4.75
C ALA A 217 -15.29 16.51 5.67
N SER A 218 -13.96 16.54 5.58
CA SER A 218 -13.09 17.47 6.27
C SER A 218 -13.54 18.90 6.04
N CYS A 219 -13.86 19.25 4.78
CA CYS A 219 -14.31 20.59 4.45
C CYS A 219 -15.75 20.90 4.86
N ALA A 220 -16.64 19.91 4.83
CA ALA A 220 -18.07 20.14 4.92
C ALA A 220 -18.56 20.07 6.36
N ALA A 221 -17.88 19.30 7.21
CA ALA A 221 -18.40 18.92 8.51
C ALA A 221 -17.22 18.93 9.46
N MET A 222 -16.66 20.12 9.70
CA MET A 222 -15.38 20.22 10.37
C MET A 222 -15.47 19.64 11.78
N ASP A 223 -16.60 19.80 12.48
CA ASP A 223 -16.65 19.39 13.88
C ASP A 223 -17.24 17.99 14.01
N ASP A 224 -18.07 17.59 13.05
CA ASP A 224 -18.81 16.35 13.24
C ASP A 224 -17.88 15.17 13.02
N PHE A 225 -18.29 14.05 13.59
CA PHE A 225 -17.68 12.77 13.38
C PHE A 225 -18.38 12.09 12.23
N GLN A 226 -17.80 12.07 11.03
CA GLN A 226 -18.57 11.61 9.88
C GLN A 226 -18.25 10.15 9.58
N LEU A 227 -19.26 9.37 9.25
CA LEU A 227 -19.09 7.97 8.93
C LEU A 227 -18.92 7.85 7.41
N ILE A 228 -17.70 7.52 7.00
CA ILE A 228 -17.26 7.45 5.62
C ILE A 228 -17.00 5.98 5.28
N PRO A 229 -17.84 5.37 4.41
CA PRO A 229 -17.60 4.01 3.92
C PRO A 229 -16.42 4.02 2.98
N MET A 230 -15.56 2.99 3.09
CA MET A 230 -14.38 2.85 2.23
C MET A 230 -14.76 1.97 1.05
N ILE A 231 -14.81 2.61 -0.13
CA ILE A 231 -15.41 2.06 -1.32
C ILE A 231 -14.42 2.14 -2.47
N SER A 232 -14.37 1.08 -3.28
CA SER A 232 -13.87 1.14 -4.66
C SER A 232 -14.86 0.49 -5.64
N LYS A 233 -14.62 0.75 -6.95
CA LYS A 233 -15.34 0.26 -8.12
C LYS A 233 -14.37 -0.51 -9.05
N CYS A 234 -14.80 -1.64 -9.65
CA CYS A 234 -13.96 -2.40 -10.57
C CYS A 234 -14.82 -3.11 -11.63
N ARG A 235 -14.18 -3.75 -12.63
CA ARG A 235 -14.89 -4.58 -13.60
C ARG A 235 -14.39 -6.01 -13.55
N THR A 236 -15.34 -6.97 -13.51
CA THR A 236 -15.04 -8.40 -13.46
C THR A 236 -14.57 -8.91 -14.82
N LYS A 237 -14.23 -10.21 -14.89
CA LYS A 237 -13.86 -10.86 -16.13
C LYS A 237 -15.04 -10.80 -17.11
N GLU A 238 -16.22 -11.18 -16.60
CA GLU A 238 -17.45 -11.21 -17.36
C GLU A 238 -18.01 -9.81 -17.63
N GLY A 239 -17.29 -8.74 -17.24
CA GLY A 239 -17.53 -7.41 -17.76
C GLY A 239 -18.46 -6.51 -16.93
N ARG A 240 -19.00 -6.99 -15.79
CA ARG A 240 -19.89 -6.18 -14.96
C ARG A 240 -19.17 -5.11 -14.11
N ARG A 241 -19.87 -4.00 -13.83
CA ARG A 241 -19.43 -3.04 -12.84
C ARG A 241 -19.58 -3.66 -11.45
N LYS A 242 -18.62 -3.41 -10.54
CA LYS A 242 -18.72 -3.96 -9.21
C LYS A 242 -18.40 -2.90 -8.15
N THR A 243 -19.13 -2.92 -7.02
CA THR A 243 -18.90 -1.97 -5.95
C THR A 243 -18.45 -2.72 -4.70
N ASN A 244 -17.34 -2.23 -4.14
CA ASN A 244 -16.61 -2.94 -3.10
C ASN A 244 -16.58 -2.15 -1.80
N LEU A 245 -16.95 -2.82 -0.69
CA LEU A 245 -16.85 -2.19 0.62
C LEU A 245 -15.70 -2.84 1.37
N TYR A 246 -14.77 -2.00 1.81
CA TYR A 246 -13.65 -2.52 2.56
C TYR A 246 -13.88 -2.43 4.05
N GLY A 247 -14.86 -1.58 4.43
CA GLY A 247 -15.00 -1.05 5.78
C GLY A 247 -15.33 0.44 5.86
N PHE A 248 -14.93 1.06 6.99
CA PHE A 248 -15.36 2.40 7.33
C PHE A 248 -14.29 3.22 8.05
N ILE A 249 -14.21 4.52 7.70
CA ILE A 249 -13.47 5.55 8.41
C ILE A 249 -14.49 6.41 9.15
N ILE A 250 -14.15 6.79 10.39
CA ILE A 250 -14.85 7.81 11.15
C ILE A 250 -13.90 9.00 11.27
N LYS A 251 -14.22 10.10 10.57
CA LYS A 251 -13.42 11.31 10.60
C LYS A 251 -13.57 11.99 11.95
N GLY A 252 -12.47 12.43 12.55
CA GLY A 252 -12.52 13.30 13.72
C GLY A 252 -12.66 14.77 13.33
N ARG A 253 -12.35 15.66 14.28
CA ARG A 253 -12.37 17.11 14.05
C ARG A 253 -11.37 17.49 12.96
N SER A 254 -11.79 18.41 12.07
CA SER A 254 -11.05 18.71 10.85
C SER A 254 -11.12 20.20 10.53
N HIS A 255 -10.53 21.04 11.40
CA HIS A 255 -10.33 22.46 11.12
C HIS A 255 -8.94 22.67 10.53
N LEU A 256 -8.83 22.37 9.23
CA LEU A 256 -7.54 22.29 8.59
C LEU A 256 -7.21 23.65 7.98
N ARG A 257 -6.86 24.61 8.85
CA ARG A 257 -6.38 25.90 8.39
C ARG A 257 -4.99 25.75 7.77
N ASN A 258 -4.21 24.74 8.18
CA ASN A 258 -2.88 24.54 7.61
C ASN A 258 -2.85 23.23 6.82
N ASP A 259 -1.86 23.13 5.93
CA ASP A 259 -1.61 21.90 5.19
C ASP A 259 -1.13 20.79 6.12
N THR A 260 -0.44 21.15 7.21
CA THR A 260 0.23 20.19 8.06
C THR A 260 -0.70 19.79 9.21
N ASP A 261 -1.77 20.57 9.38
CA ASP A 261 -2.82 20.31 10.36
C ASP A 261 -3.29 18.87 10.24
N VAL A 262 -3.47 18.22 11.40
CA VAL A 262 -3.73 16.80 11.49
C VAL A 262 -5.20 16.56 11.82
N VAL A 263 -5.85 15.68 11.05
CA VAL A 263 -7.16 15.13 11.34
C VAL A 263 -7.00 13.64 11.67
N ASN A 264 -7.50 13.27 12.86
CA ASN A 264 -7.55 11.90 13.32
C ASN A 264 -8.81 11.24 12.80
N PHE A 265 -8.75 9.91 12.76
CA PHE A 265 -9.78 9.04 12.22
C PHE A 265 -9.54 7.68 12.85
N VAL A 266 -10.63 6.91 12.92
CA VAL A 266 -10.65 5.50 13.24
C VAL A 266 -10.96 4.74 11.93
N SER A 267 -10.12 3.79 11.61
CA SER A 267 -10.30 2.93 10.45
C SER A 267 -10.83 1.59 10.98
N MET A 268 -11.84 1.02 10.30
CA MET A 268 -12.46 -0.24 10.66
C MET A 268 -12.64 -1.14 9.41
N GLU A 269 -11.86 -2.22 9.31
CA GLU A 269 -11.60 -2.83 8.02
C GLU A 269 -11.78 -4.34 8.09
N PHE A 270 -12.57 -4.88 7.17
CA PHE A 270 -12.74 -6.32 7.13
C PHE A 270 -11.42 -6.98 6.75
N SER A 271 -11.28 -8.23 7.18
CA SER A 271 -10.15 -9.07 6.79
C SER A 271 -10.43 -10.51 7.20
N LEU A 272 -9.86 -11.48 6.47
CA LEU A 272 -9.84 -12.87 6.93
C LEU A 272 -8.52 -13.20 7.62
N THR A 273 -7.61 -12.24 7.76
CA THR A 273 -6.32 -12.50 8.39
C THR A 273 -6.51 -12.67 9.90
N ASP A 274 -6.24 -13.88 10.42
CA ASP A 274 -6.09 -14.12 11.84
C ASP A 274 -4.89 -13.30 12.32
N PRO A 275 -5.09 -12.37 13.31
CA PRO A 275 -4.04 -11.55 13.89
C PRO A 275 -2.97 -12.24 14.72
N ARG A 276 -3.25 -13.53 14.96
CA ARG A 276 -2.33 -14.42 15.63
C ARG A 276 -1.22 -14.88 14.70
N LEU A 277 -1.36 -14.74 13.38
CA LEU A 277 -0.34 -15.30 12.51
C LEU A 277 0.88 -14.40 12.66
N GLU A 278 0.66 -13.07 12.71
CA GLU A 278 1.75 -12.13 12.83
C GLU A 278 1.38 -11.03 13.80
N PRO A 279 1.37 -11.27 15.14
CA PRO A 279 1.05 -10.20 16.10
C PRO A 279 1.83 -8.91 15.94
N HIS A 280 3.13 -8.95 15.61
CA HIS A 280 3.91 -7.71 15.56
C HIS A 280 3.38 -6.77 14.46
N LYS A 281 2.77 -7.35 13.42
CA LYS A 281 2.35 -6.52 12.31
C LYS A 281 1.26 -5.57 12.81
N TRP A 282 0.51 -6.02 13.84
CA TRP A 282 -0.76 -5.41 14.24
C TRP A 282 -0.65 -4.66 15.57
N GLU A 283 0.52 -4.07 15.86
CA GLU A 283 0.81 -3.36 17.12
C GLU A 283 -0.16 -2.21 17.45
N LYS A 284 -0.44 -1.42 16.42
CA LYS A 284 -1.30 -0.26 16.45
C LYS A 284 -2.80 -0.58 16.37
N TYR A 285 -3.20 -1.87 16.35
CA TYR A 285 -4.55 -2.29 16.05
C TYR A 285 -5.17 -3.03 17.25
N CYS A 286 -6.46 -2.72 17.48
CA CYS A 286 -7.34 -3.65 18.13
C CYS A 286 -8.04 -4.46 17.04
N VAL A 287 -8.12 -5.79 17.20
CA VAL A 287 -8.77 -6.62 16.19
C VAL A 287 -9.95 -7.34 16.84
N LEU A 288 -11.13 -7.20 16.24
CA LEU A 288 -12.30 -7.91 16.70
C LEU A 288 -12.57 -9.07 15.77
N GLU A 289 -13.53 -9.89 16.17
CA GLU A 289 -14.05 -10.94 15.34
C GLU A 289 -15.56 -10.71 15.26
N ILE A 290 -16.05 -10.64 14.02
CA ILE A 290 -17.32 -10.00 13.76
C ILE A 290 -18.22 -10.91 12.94
N GLY A 291 -17.75 -12.11 12.60
CA GLY A 291 -18.41 -12.81 11.52
C GLY A 291 -17.79 -14.15 11.22
N ASP A 292 -18.56 -14.98 10.53
CA ASP A 292 -18.17 -16.34 10.18
C ASP A 292 -18.33 -16.48 8.67
N MET A 293 -17.21 -16.66 7.98
CA MET A 293 -17.19 -16.62 6.51
C MET A 293 -16.97 -18.05 5.99
N LEU A 294 -17.75 -18.45 4.99
CA LEU A 294 -17.62 -19.79 4.46
C LEU A 294 -16.74 -19.77 3.20
N LEU A 295 -15.66 -20.56 3.23
CA LEU A 295 -14.71 -20.67 2.13
C LEU A 295 -14.61 -22.12 1.67
N ARG A 296 -14.82 -22.36 0.37
CA ARG A 296 -14.45 -23.62 -0.25
C ARG A 296 -12.92 -23.66 -0.43
N THR A 297 -12.27 -24.48 0.40
CA THR A 297 -10.87 -24.83 0.19
C THR A 297 -10.80 -26.04 -0.74
N ALA A 298 -9.57 -26.52 -0.98
CA ALA A 298 -9.34 -27.71 -1.79
C ALA A 298 -10.12 -28.88 -1.22
N ILE A 299 -9.99 -29.11 0.10
CA ILE A 299 -10.61 -30.24 0.77
C ILE A 299 -12.10 -29.99 0.98
N GLY A 300 -12.57 -28.76 0.74
CA GLY A 300 -13.99 -28.46 0.69
C GLY A 300 -14.34 -27.16 1.39
N GLN A 301 -15.62 -27.02 1.76
CA GLN A 301 -16.16 -25.83 2.40
C GLN A 301 -15.77 -25.78 3.88
N VAL A 302 -14.98 -24.77 4.27
CA VAL A 302 -14.66 -24.53 5.67
C VAL A 302 -15.26 -23.19 6.12
N SER A 303 -15.63 -23.10 7.40
CA SER A 303 -15.98 -21.83 8.04
C SER A 303 -14.72 -21.16 8.62
N ARG A 304 -14.48 -19.89 8.27
CA ARG A 304 -13.37 -19.18 8.88
C ARG A 304 -13.81 -17.81 9.39
N PRO A 305 -13.22 -17.32 10.51
CA PRO A 305 -13.62 -16.03 11.10
C PRO A 305 -13.43 -14.86 10.13
N MET A 306 -14.40 -13.94 10.12
CA MET A 306 -14.15 -12.63 9.56
C MET A 306 -13.82 -11.66 10.72
N PHE A 307 -12.79 -10.82 10.51
CA PHE A 307 -12.21 -9.98 11.54
C PHE A 307 -12.43 -8.53 11.16
N LEU A 308 -12.39 -7.66 12.15
CA LEU A 308 -12.34 -6.24 11.91
C LEU A 308 -11.05 -5.70 12.52
N TYR A 309 -10.17 -5.13 11.66
CA TYR A 309 -8.98 -4.41 12.10
C TYR A 309 -9.34 -2.97 12.44
N VAL A 310 -9.18 -2.60 13.70
CA VAL A 310 -9.53 -1.24 14.12
C VAL A 310 -8.29 -0.58 14.69
N ARG A 311 -8.10 0.67 14.25
CA ARG A 311 -7.06 1.53 14.79
C ARG A 311 -7.43 3.00 14.61
N THR A 312 -6.78 3.84 15.41
CA THR A 312 -6.71 5.28 15.22
C THR A 312 -5.50 5.64 14.36
N ASN A 313 -5.66 6.64 13.51
CA ASN A 313 -4.61 6.96 12.59
C ASN A 313 -4.83 8.43 12.33
N GLY A 314 -3.91 9.09 11.59
CA GLY A 314 -3.96 10.53 11.39
C GLY A 314 -3.66 10.86 9.96
N THR A 315 -4.09 12.05 9.50
CA THR A 315 -3.78 12.51 8.16
C THR A 315 -3.89 14.03 8.10
N SER A 316 -3.25 14.62 7.10
CA SER A 316 -3.26 16.07 6.94
C SER A 316 -3.89 16.40 5.61
N LYS A 317 -4.21 17.69 5.42
CA LYS A 317 -4.71 18.19 4.14
C LYS A 317 -3.74 17.80 3.03
N ILE A 318 -2.45 18.13 3.16
CA ILE A 318 -1.48 17.77 2.13
C ILE A 318 -1.48 16.25 1.89
N LYS A 319 -1.48 15.46 2.96
CA LYS A 319 -1.40 14.01 2.79
C LYS A 319 -2.64 13.49 2.07
N MET A 320 -3.81 14.09 2.35
CA MET A 320 -5.04 13.74 1.67
C MET A 320 -4.93 14.11 0.19
N LYS A 321 -4.44 15.33 -0.06
CA LYS A 321 -4.15 15.78 -1.43
C LYS A 321 -3.14 14.87 -2.13
N TRP A 322 -2.12 14.34 -1.42
CA TRP A 322 -1.16 13.44 -2.10
C TRP A 322 -1.84 12.13 -2.48
N GLY A 323 -2.68 11.61 -1.58
CA GLY A 323 -3.41 10.40 -1.84
C GLY A 323 -4.40 10.57 -2.99
N MET A 324 -5.04 11.73 -3.10
CA MET A 324 -5.93 11.99 -4.24
C MET A 324 -5.15 11.98 -5.56
N GLU A 325 -3.83 12.19 -5.49
CA GLU A 325 -2.97 12.34 -6.67
C GLU A 325 -2.26 11.01 -7.02
N MET A 326 -2.72 9.88 -6.49
CA MET A 326 -1.98 8.63 -6.62
C MET A 326 -1.99 8.11 -8.06
N ARG A 327 -2.82 8.68 -8.95
CA ARG A 327 -2.83 8.25 -10.34
C ARG A 327 -1.50 8.65 -10.98
N ARG A 328 -0.81 9.65 -10.42
CA ARG A 328 0.52 10.01 -10.88
C ARG A 328 1.47 8.80 -10.86
N CYS A 329 1.13 7.78 -10.06
CA CYS A 329 1.91 6.56 -9.94
C CYS A 329 1.91 5.74 -11.23
N LEU A 330 0.78 5.84 -11.94
CA LEU A 330 0.62 5.11 -13.18
C LEU A 330 1.43 5.85 -14.24
N LEU A 331 1.49 7.17 -14.08
CA LEU A 331 2.15 8.00 -15.06
C LEU A 331 3.66 7.86 -14.88
N GLN A 332 4.12 7.89 -13.62
CA GLN A 332 5.54 7.82 -13.31
C GLN A 332 6.12 6.48 -13.75
N SER A 333 5.38 5.39 -13.53
CA SER A 333 5.90 4.09 -13.90
C SER A 333 5.77 3.87 -15.41
N LEU A 334 4.88 4.62 -16.07
CA LEU A 334 4.81 4.62 -17.53
C LEU A 334 6.05 5.29 -18.12
N GLN A 335 6.54 6.37 -17.49
CA GLN A 335 7.69 7.07 -18.00
C GLN A 335 8.91 6.16 -17.90
N GLN A 336 9.08 5.48 -16.76
CA GLN A 336 10.24 4.61 -16.54
C GLN A 336 10.32 3.51 -17.60
N ILE A 337 9.19 2.85 -17.89
CA ILE A 337 9.15 1.78 -18.88
C ILE A 337 9.39 2.31 -20.30
N GLU A 338 9.17 3.62 -20.52
CA GLU A 338 9.28 4.23 -21.84
C GLU A 338 10.75 4.54 -22.12
N SER A 339 11.49 4.97 -21.09
CA SER A 339 12.91 5.20 -21.24
C SER A 339 13.59 3.86 -21.54
N MET A 340 13.03 2.78 -21.00
CA MET A 340 13.55 1.43 -21.17
C MET A 340 13.34 0.92 -22.61
N ILE A 341 12.39 1.52 -23.35
CA ILE A 341 12.19 1.22 -24.76
C ILE A 341 13.11 2.10 -25.61
N GLU A 342 13.46 3.29 -25.11
CA GLU A 342 14.40 4.18 -25.79
C GLU A 342 15.82 3.60 -25.69
N ALA A 343 16.15 3.05 -24.52
CA ALA A 343 17.45 2.44 -24.28
C ALA A 343 17.62 1.12 -25.05
N GLU A 344 16.52 0.61 -25.63
CA GLU A 344 16.57 -0.46 -26.60
C GLU A 344 16.10 0.00 -27.99
N SER A 345 16.05 1.33 -28.20
CA SER A 345 15.73 1.88 -29.52
C SER A 345 17.03 2.24 -30.26
N SER A 346 18.17 2.08 -29.58
CA SER A 346 19.48 2.19 -30.21
C SER A 346 19.92 0.81 -30.72
N VAL A 347 18.98 -0.15 -30.77
CA VAL A 347 19.22 -1.45 -31.37
C VAL A 347 19.06 -1.35 -32.88
N LYS A 348 18.14 -0.48 -33.33
CA LYS A 348 17.92 -0.24 -34.74
C LYS A 348 17.47 1.20 -34.95
N GLU A 349 16.84 1.49 -36.11
CA GLU A 349 16.18 2.76 -36.34
C GLU A 349 14.81 2.75 -35.66
N LYS A 350 14.25 1.54 -35.47
CA LYS A 350 12.96 1.34 -34.85
C LYS A 350 13.09 1.39 -33.33
N ASP A 351 11.94 1.21 -32.63
CA ASP A 351 11.87 1.15 -31.18
C ASP A 351 11.37 -0.21 -30.71
N MET A 352 10.70 -0.95 -31.60
CA MET A 352 10.18 -2.29 -31.34
C MET A 352 9.33 -2.35 -30.07
N THR A 353 8.57 -1.28 -29.77
CA THR A 353 7.62 -1.29 -28.67
C THR A 353 6.73 -2.53 -28.80
N LYS A 354 6.35 -2.86 -30.04
CA LYS A 354 5.48 -4.00 -30.29
C LYS A 354 6.11 -5.28 -29.72
N GLU A 355 7.32 -5.59 -30.19
CA GLU A 355 8.05 -6.79 -29.77
C GLU A 355 8.53 -6.63 -28.33
N PHE A 356 8.95 -5.40 -27.96
CA PHE A 356 9.24 -5.07 -26.58
C PHE A 356 8.15 -5.59 -25.64
N PHE A 357 6.87 -5.36 -25.98
CA PHE A 357 5.75 -5.78 -25.15
C PHE A 357 5.34 -7.23 -25.44
N GLU A 358 5.55 -7.70 -26.68
CA GLU A 358 5.02 -8.98 -27.12
C GLU A 358 6.09 -10.08 -27.11
N ASN A 359 7.36 -9.70 -27.02
CA ASN A 359 8.43 -10.68 -27.06
C ASN A 359 8.66 -11.25 -25.67
N LYS A 360 7.85 -12.25 -25.29
CA LYS A 360 7.93 -12.90 -23.99
C LYS A 360 9.33 -13.43 -23.71
N SER A 361 10.13 -13.58 -24.77
CA SER A 361 11.53 -13.98 -24.65
C SER A 361 12.34 -12.89 -23.95
N GLU A 362 12.08 -11.62 -24.32
CA GLU A 362 12.72 -10.48 -23.70
C GLU A 362 12.42 -10.51 -22.21
N THR A 363 13.49 -10.42 -21.40
CA THR A 363 13.41 -10.58 -19.96
C THR A 363 14.38 -9.64 -19.26
N TRP A 364 14.01 -9.31 -18.03
CA TRP A 364 14.52 -8.21 -17.25
C TRP A 364 14.64 -8.80 -15.85
N PRO A 365 15.71 -8.50 -15.08
CA PRO A 365 15.78 -8.98 -13.70
C PRO A 365 14.80 -8.22 -12.80
N ILE A 366 13.73 -8.92 -12.38
CA ILE A 366 12.61 -8.33 -11.65
C ILE A 366 12.72 -8.67 -10.16
N GLY A 367 13.68 -9.49 -9.78
CA GLY A 367 13.69 -9.99 -8.42
C GLY A 367 14.86 -10.90 -8.11
N GLU A 368 14.67 -11.78 -7.13
CA GLU A 368 15.74 -12.63 -6.62
C GLU A 368 15.15 -13.90 -5.99
N SER A 369 15.94 -14.97 -6.06
CA SER A 369 15.58 -16.24 -5.45
C SER A 369 16.79 -16.74 -4.67
N PRO A 370 16.71 -17.85 -3.91
CA PRO A 370 17.90 -18.45 -3.30
C PRO A 370 19.00 -18.79 -4.33
N ARG A 371 18.56 -19.15 -5.55
CA ARG A 371 19.44 -19.49 -6.65
C ARG A 371 20.24 -18.26 -7.10
N GLY A 372 19.53 -17.17 -7.42
CA GLY A 372 20.15 -15.95 -7.90
C GLY A 372 19.09 -14.95 -8.37
N VAL A 373 19.51 -14.01 -9.23
CA VAL A 373 18.62 -12.97 -9.73
C VAL A 373 17.55 -13.60 -10.61
N GLU A 374 16.28 -13.21 -10.39
CA GLU A 374 15.16 -13.73 -11.17
C GLU A 374 14.86 -12.76 -12.30
N GLU A 375 14.60 -13.33 -13.49
CA GLU A 375 14.32 -12.53 -14.68
C GLU A 375 12.81 -12.56 -14.94
N GLY A 376 12.27 -11.50 -15.56
CA GLY A 376 10.85 -11.50 -15.89
C GLY A 376 10.47 -10.74 -17.16
N SER A 377 9.30 -11.12 -17.69
CA SER A 377 8.61 -10.41 -18.74
C SER A 377 8.40 -8.94 -18.41
N ILE A 378 8.05 -8.14 -19.43
CA ILE A 378 7.91 -6.69 -19.34
C ILE A 378 6.67 -6.34 -18.51
N GLY A 379 5.60 -7.13 -18.65
CA GLY A 379 4.45 -7.07 -17.77
C GLY A 379 4.90 -7.01 -16.32
N LYS A 380 5.60 -8.07 -15.85
CA LYS A 380 6.09 -8.13 -14.49
C LYS A 380 6.96 -6.93 -14.14
N VAL A 381 7.57 -6.30 -15.13
CA VAL A 381 8.38 -5.10 -14.90
C VAL A 381 7.48 -3.88 -14.74
N CYS A 382 6.36 -3.88 -15.48
CA CYS A 382 5.41 -2.80 -15.49
C CYS A 382 4.78 -2.72 -14.12
N ARG A 383 4.33 -3.90 -13.61
CA ARG A 383 3.65 -4.01 -12.32
C ARG A 383 4.61 -3.78 -11.14
N THR A 384 5.82 -4.34 -11.20
CA THR A 384 6.81 -4.11 -10.16
C THR A 384 7.14 -2.62 -10.01
N LEU A 385 7.17 -1.88 -11.12
CA LEU A 385 7.54 -0.46 -11.05
C LEU A 385 6.33 0.39 -10.63
N LEU A 386 5.13 -0.08 -10.97
CA LEU A 386 3.93 0.54 -10.47
C LEU A 386 3.87 0.38 -8.95
N ALA A 387 4.00 -0.88 -8.48
CA ALA A 387 3.96 -1.25 -7.07
C ALA A 387 4.98 -0.48 -6.22
N LYS A 388 6.23 -0.35 -6.68
CA LYS A 388 7.21 0.53 -6.07
C LYS A 388 6.70 1.97 -5.90
N SER A 389 6.08 2.47 -6.96
CA SER A 389 5.65 3.85 -7.04
C SER A 389 4.50 4.04 -6.06
N VAL A 390 3.51 3.14 -6.13
CA VAL A 390 2.38 3.14 -5.23
C VAL A 390 2.86 3.04 -3.79
N PHE A 391 3.83 2.15 -3.50
CA PHE A 391 4.24 1.89 -2.14
C PHE A 391 5.07 3.07 -1.60
N ASN A 392 5.67 3.84 -2.48
CA ASN A 392 6.31 5.07 -2.07
C ASN A 392 5.26 6.09 -1.67
N SER A 393 4.02 5.90 -2.16
CA SER A 393 2.95 6.85 -1.89
C SER A 393 2.31 6.50 -0.55
N LEU A 394 1.84 5.26 -0.46
CA LEU A 394 1.24 4.69 0.72
C LEU A 394 2.13 4.74 1.95
N TYR A 395 3.46 4.69 1.76
CA TYR A 395 4.36 4.70 2.90
C TYR A 395 5.24 5.94 2.90
N ALA A 396 4.77 7.01 2.26
CA ALA A 396 5.43 8.31 2.32
C ALA A 396 5.83 8.62 3.76
N SER A 397 6.96 9.31 3.90
CA SER A 397 7.60 9.55 5.19
C SER A 397 8.85 10.37 4.93
N PRO A 398 9.28 11.13 5.96
CA PRO A 398 10.59 11.80 5.97
C PRO A 398 11.80 10.88 5.84
N GLN A 399 11.72 9.71 6.48
CA GLN A 399 12.74 8.68 6.39
C GLN A 399 12.98 8.27 4.94
N LEU A 400 11.92 8.17 4.13
CA LEU A 400 12.03 7.83 2.72
C LEU A 400 12.65 9.01 1.97
N GLU A 401 12.30 10.23 2.35
CA GLU A 401 12.82 11.36 1.62
C GLU A 401 14.33 11.41 1.84
N GLY A 402 14.75 11.10 3.07
CA GLY A 402 16.14 10.89 3.40
C GLY A 402 16.72 9.74 2.58
N PHE A 403 16.10 8.57 2.70
CA PHE A 403 16.72 7.37 2.19
C PHE A 403 16.92 7.48 0.68
N SER A 404 16.03 8.18 -0.03
CA SER A 404 15.99 8.15 -1.49
C SER A 404 17.03 9.10 -2.08
N ALA A 405 17.14 10.28 -1.46
CA ALA A 405 18.02 11.31 -1.98
C ALA A 405 19.48 10.86 -1.86
N GLU A 406 19.77 10.03 -0.84
CA GLU A 406 21.10 9.58 -0.50
C GLU A 406 21.40 8.19 -1.07
N SER A 407 20.42 7.29 -1.03
CA SER A 407 20.66 5.96 -1.55
C SER A 407 20.96 6.03 -3.04
N ARG A 408 20.30 6.97 -3.74
CA ARG A 408 20.52 7.27 -5.15
C ARG A 408 22.01 7.56 -5.44
N LYS A 409 22.63 8.46 -4.68
CA LYS A 409 24.03 8.77 -4.84
C LYS A 409 24.88 7.52 -4.75
N LEU A 410 24.49 6.57 -3.89
CA LEU A 410 25.31 5.39 -3.64
C LEU A 410 25.04 4.34 -4.71
N LEU A 411 23.79 4.20 -5.13
CA LEU A 411 23.50 3.37 -6.28
C LEU A 411 24.38 3.79 -7.48
N LEU A 412 24.61 5.08 -7.72
CA LEU A 412 25.45 5.52 -8.84
C LEU A 412 26.86 4.98 -8.68
N ILE A 413 27.44 5.17 -7.48
CA ILE A 413 28.78 4.68 -7.21
C ILE A 413 28.80 3.18 -7.51
N VAL A 414 27.76 2.46 -7.07
CA VAL A 414 27.83 1.01 -7.17
C VAL A 414 27.78 0.63 -8.64
N GLN A 415 26.98 1.38 -9.43
CA GLN A 415 26.82 1.15 -10.85
C GLN A 415 28.13 1.44 -11.60
N ALA A 416 28.75 2.56 -11.28
CA ALA A 416 30.05 2.89 -11.85
C ALA A 416 31.03 1.76 -11.57
N LEU A 417 31.03 1.22 -10.35
CA LEU A 417 31.93 0.13 -10.00
C LEU A 417 31.60 -1.13 -10.77
N ARG A 418 30.32 -1.44 -10.89
CA ARG A 418 29.88 -2.59 -11.66
C ARG A 418 30.53 -2.49 -13.04
N ASP A 419 30.58 -1.27 -13.58
CA ASP A 419 31.07 -1.00 -14.92
C ASP A 419 32.59 -0.79 -14.95
N ASN A 420 33.30 -1.08 -13.83
CA ASN A 420 34.76 -1.01 -13.75
C ASN A 420 35.23 0.39 -14.16
N LEU A 421 34.39 1.39 -13.91
CA LEU A 421 34.84 2.78 -13.95
C LEU A 421 35.47 3.05 -12.58
N GLU A 422 36.08 4.24 -12.38
CA GLU A 422 36.70 4.56 -11.09
C GLU A 422 36.00 5.72 -10.42
N PRO A 423 34.82 5.53 -9.81
CA PRO A 423 34.11 6.66 -9.19
C PRO A 423 34.85 6.99 -7.91
N GLY A 424 34.99 8.28 -7.61
CA GLY A 424 35.52 8.71 -6.32
C GLY A 424 34.63 8.24 -5.18
N THR A 425 35.24 7.52 -4.23
CA THR A 425 34.61 7.01 -3.02
C THR A 425 35.03 7.80 -1.77
N PHE A 426 35.47 9.06 -1.92
CA PHE A 426 36.10 9.70 -0.77
C PHE A 426 35.08 10.06 0.30
N ASP A 427 33.81 10.21 -0.11
CA ASP A 427 32.75 10.68 0.75
C ASP A 427 31.83 9.55 1.21
N LEU A 428 32.27 8.28 1.16
CA LEU A 428 31.37 7.18 1.48
C LEU A 428 30.97 7.24 2.95
N GLY A 429 31.93 7.48 3.85
CA GLY A 429 31.67 7.67 5.27
C GLY A 429 30.46 8.56 5.53
N GLY A 430 30.53 9.82 5.05
CA GLY A 430 29.42 10.75 5.00
C GLY A 430 28.13 10.12 4.44
N LEU A 431 28.26 9.38 3.34
CA LEU A 431 27.12 8.88 2.60
C LEU A 431 26.40 7.80 3.40
N TYR A 432 27.17 6.84 3.95
CA TYR A 432 26.60 5.79 4.76
C TYR A 432 25.87 6.44 5.95
N GLU A 433 26.48 7.49 6.51
CA GLU A 433 25.94 8.18 7.67
C GLU A 433 24.56 8.75 7.30
N ALA A 434 24.53 9.56 6.22
CA ALA A 434 23.30 10.19 5.74
C ALA A 434 22.21 9.16 5.41
N ILE A 435 22.60 7.95 5.01
CA ILE A 435 21.62 6.93 4.65
C ILE A 435 21.17 6.19 5.89
N GLU A 436 22.11 5.77 6.74
CA GLU A 436 21.79 4.87 7.84
C GLU A 436 20.98 5.58 8.92
N GLU A 437 21.12 6.91 8.97
CA GLU A 437 20.34 7.79 9.82
C GLU A 437 18.86 7.60 9.54
N CYS A 438 18.51 7.20 8.31
CA CYS A 438 17.15 7.01 7.87
C CYS A 438 16.70 5.55 8.05
N LEU A 439 17.55 4.72 8.67
CA LEU A 439 17.22 3.31 8.87
C LEU A 439 16.94 3.11 10.35
N ILE A 440 15.67 3.34 10.75
CA ILE A 440 15.27 3.32 12.15
C ILE A 440 14.19 2.25 12.37
N ASN A 441 12.97 2.50 11.88
CA ASN A 441 11.83 1.63 12.14
C ASN A 441 10.79 1.60 11.03
N ASP A 442 10.89 2.46 10.01
CA ASP A 442 9.90 2.52 8.94
C ASP A 442 10.02 1.29 8.06
N PRO A 443 8.96 0.47 7.96
CA PRO A 443 9.05 -0.79 7.27
C PRO A 443 9.49 -0.66 5.81
N TRP A 444 8.95 0.33 5.07
CA TRP A 444 9.20 0.46 3.64
C TRP A 444 10.67 0.83 3.40
N VAL A 445 11.13 1.83 4.14
CA VAL A 445 12.52 2.21 4.08
C VAL A 445 13.39 0.98 4.36
N LEU A 446 13.03 0.23 5.41
CA LEU A 446 13.78 -0.94 5.75
C LEU A 446 13.82 -1.92 4.58
N LEU A 447 12.66 -2.28 4.01
CA LEU A 447 12.71 -3.24 2.92
C LEU A 447 13.63 -2.72 1.81
N ASN A 448 13.60 -1.41 1.54
CA ASN A 448 14.34 -0.80 0.48
C ASN A 448 15.85 -0.93 0.74
N ALA A 449 16.28 -0.65 1.97
CA ALA A 449 17.66 -0.88 2.42
C ALA A 449 18.07 -2.33 2.18
N SER A 450 17.19 -3.27 2.53
CA SER A 450 17.42 -4.69 2.30
C SER A 450 17.57 -5.03 0.81
N TRP A 451 16.71 -4.44 -0.03
CA TRP A 451 16.76 -4.58 -1.48
C TRP A 451 18.08 -4.07 -2.06
N PHE A 452 18.55 -2.96 -1.51
CA PHE A 452 19.80 -2.37 -1.93
C PHE A 452 20.95 -3.32 -1.63
N ASN A 453 21.02 -3.84 -0.38
CA ASN A 453 22.06 -4.78 -0.01
C ASN A 453 22.05 -6.04 -0.87
N SER A 454 20.88 -6.57 -1.16
CA SER A 454 20.80 -7.69 -2.08
C SER A 454 21.42 -7.29 -3.41
N PHE A 455 21.00 -6.16 -3.98
CA PHE A 455 21.49 -5.74 -5.27
C PHE A 455 23.03 -5.62 -5.27
N LEU A 456 23.53 -4.94 -4.25
CA LEU A 456 24.94 -4.66 -4.09
C LEU A 456 25.72 -5.98 -4.04
N THR A 457 25.18 -6.99 -3.35
CA THR A 457 25.82 -8.29 -3.27
C THR A 457 25.98 -8.88 -4.67
N HIS A 458 24.93 -8.81 -5.49
CA HIS A 458 24.95 -9.38 -6.83
C HIS A 458 25.69 -8.48 -7.85
N ALA A 459 25.83 -7.19 -7.57
CA ALA A 459 26.35 -6.23 -8.53
C ALA A 459 27.89 -6.28 -8.59
N LEU A 460 28.53 -6.52 -7.44
CA LEU A 460 29.98 -6.38 -7.30
C LEU A 460 30.62 -7.74 -7.02
N LYS A 461 29.80 -8.77 -7.03
CA LYS A 461 30.18 -10.08 -6.56
C LYS A 461 29.70 -11.07 -7.62
N ASP B 1 10.37 -13.26 -4.80
CA ASP B 1 10.45 -11.89 -4.22
C ASP B 1 10.88 -10.88 -5.28
N TYR B 2 10.05 -9.84 -5.46
CA TYR B 2 10.30 -8.76 -6.40
C TYR B 2 11.19 -7.73 -5.73
N ASN B 3 12.26 -7.42 -6.42
CA ASN B 3 13.19 -6.40 -5.99
C ASN B 3 13.47 -5.57 -7.23
N PRO B 4 13.04 -4.29 -7.29
CA PRO B 4 13.24 -3.47 -8.49
C PRO B 4 14.63 -2.84 -8.62
N TYR B 5 15.50 -3.02 -7.62
CA TYR B 5 16.84 -2.46 -7.69
C TYR B 5 17.67 -3.42 -8.59
N NLE B 6 17.04 -4.57 -9.09
CA NLE B 6 17.57 -5.72 -9.87
C NLE B 6 17.12 -5.62 -11.33
O NLE B 6 17.97 -5.91 -12.20
CB NLE B 6 17.15 -7.05 -9.21
CG NLE B 6 18.02 -7.38 -8.00
CD NLE B 6 17.91 -8.79 -7.51
CE NLE B 6 18.79 -9.05 -6.32
N LEU B 7 16.58 -4.35 -11.63
CA LEU B 7 16.38 -3.80 -13.00
C LEU B 7 17.65 -3.07 -13.45
N TYR B 8 18.36 -2.43 -12.51
CA TYR B 8 19.55 -1.64 -12.79
C TYR B 8 20.65 -2.46 -13.51
N NLE B 9 20.40 -3.83 -13.30
CA NLE B 9 21.52 -4.69 -13.72
C NLE B 9 21.51 -4.83 -15.25
O NLE B 9 22.62 -5.03 -15.80
CB NLE B 9 21.39 -6.06 -13.03
CG NLE B 9 22.39 -6.28 -11.91
CD NLE B 9 21.91 -7.20 -10.85
CE NLE B 9 22.96 -7.39 -9.80
N LYS B 10 20.50 -5.18 -16.19
CA LYS B 10 20.17 -4.92 -17.63
C LYS B 10 20.03 -3.40 -17.84
C1 EDO C . -9.04 -9.79 -4.73
O1 EDO C . -8.82 -8.92 -5.81
C2 EDO C . -10.48 -10.17 -4.59
O2 EDO C . -11.00 -10.92 -5.67
O1 PG4 D . 35.34 -0.47 3.92
C1 PG4 D . 33.97 -0.78 3.66
C2 PG4 D . 33.35 0.09 2.64
O2 PG4 D . 33.49 1.46 2.98
C3 PG4 D . 32.34 2.26 2.69
C4 PG4 D . 31.59 2.52 3.96
O3 PG4 D . 32.23 3.53 4.72
C5 PG4 D . 31.57 3.85 5.95
C6 PG4 D . 31.96 2.84 6.97
O4 PG4 D . 31.53 3.23 8.26
C7 PG4 D . 31.83 2.25 9.26
C8 PG4 D . 30.60 1.99 10.11
O5 PG4 D . 30.13 3.15 10.81
#